data_2RIE
#
_entry.id   2RIE
#
_cell.length_a   55.285
_cell.length_b   108.180
_cell.length_c   55.543
_cell.angle_alpha   90.000
_cell.angle_beta   90.990
_cell.angle_gamma   90.000
#
_symmetry.space_group_name_H-M   'P 1 21 1'
#
loop_
_entity.id
_entity.type
_entity.pdbx_description
1 polymer 'Pulmonary surfactant-associated protein D'
2 non-polymer 'CALCIUM ION'
3 non-polymer 2-deoxy-beta-L-galacto-heptopyranose
4 water water
#
_entity_poly.entity_id   1
_entity_poly.type   'polypeptide(L)'
_entity_poly.pdbx_seq_one_letter_code
;AMADIGSDVASLRQQVEALQGQVQHLQAAFSQYKKVELFPNGQSVGEKIFKTAGFVKPFTEAQLLCTQAGGQLASPRSAA
ENAALQQLVVAKNEAAFLSMTDSKTEGKFTYPTGESLVYSNWAPGEPNDDGGSEDCVEIFTNGKWNDRACGEKRLVVCEF
;
_entity_poly.pdbx_strand_id   A,B,C
#
loop_
_chem_comp.id
_chem_comp.type
_chem_comp.name
_chem_comp.formula
293 D-saccharide, alpha linking 2-deoxy-beta-L-galacto-heptopyranose 'C7 H14 O6'
CA non-polymer 'CALCIUM ION' 'Ca 2'
#
# COMPACT_ATOMS: atom_id res chain seq x y z
N VAL A 16 -13.66 23.52 23.39
CA VAL A 16 -13.57 22.72 24.65
C VAL A 16 -12.23 21.98 24.73
N GLU A 17 -11.74 21.82 25.96
CA GLU A 17 -10.48 21.13 26.20
C GLU A 17 -10.55 19.72 25.62
N ALA A 18 -11.77 19.20 25.49
CA ALA A 18 -11.98 17.87 24.95
C ALA A 18 -11.51 17.79 23.50
N LEU A 19 -11.95 18.74 22.68
CA LEU A 19 -11.56 18.79 21.28
C LEU A 19 -10.04 18.93 21.15
N GLN A 20 -9.47 19.77 22.01
CA GLN A 20 -8.03 20.00 22.01
C GLN A 20 -7.29 18.67 22.15
N GLY A 21 -7.66 17.89 23.15
CA GLY A 21 -7.01 16.61 23.36
C GLY A 21 -7.18 15.66 22.20
N GLN A 22 -8.40 15.61 21.65
CA GLN A 22 -8.68 14.72 20.53
C GLN A 22 -7.84 15.05 19.30
N VAL A 23 -7.64 16.34 19.03
CA VAL A 23 -6.86 16.76 17.89
C VAL A 23 -5.40 16.38 18.02
N GLN A 24 -4.87 16.52 19.24
CA GLN A 24 -3.48 16.18 19.52
C GLN A 24 -3.24 14.71 19.21
N HIS A 25 -4.15 13.88 19.68
CA HIS A 25 -4.04 12.44 19.47
C HIS A 25 -4.22 12.10 18.00
N LEU A 26 -5.08 12.85 17.32
CA LEU A 26 -5.31 12.64 15.89
C LEU A 26 -4.03 12.91 15.13
N GLN A 27 -3.34 14.00 15.49
CA GLN A 27 -2.08 14.36 14.84
C GLN A 27 -1.04 13.27 15.03
N ALA A 28 -1.01 12.68 16.22
CA ALA A 28 -0.05 11.63 16.52
C ALA A 28 -0.37 10.37 15.73
N ALA A 29 -1.65 9.97 15.73
CA ALA A 29 -2.06 8.78 15.01
C ALA A 29 -1.83 8.97 13.51
N PHE A 30 -2.21 10.13 13.01
CA PHE A 30 -2.03 10.41 11.59
C PHE A 30 -0.56 10.36 11.18
N SER A 31 0.32 10.90 12.02
CA SER A 31 1.74 10.89 11.70
C SER A 31 2.27 9.46 11.58
N GLN A 32 1.81 8.59 12.47
CA GLN A 32 2.25 7.19 12.43
C GLN A 32 1.75 6.51 11.17
N TYR A 33 0.48 6.72 10.83
CA TYR A 33 -0.06 6.10 9.63
C TYR A 33 0.58 6.64 8.35
N LYS A 34 1.07 7.88 8.40
CA LYS A 34 1.72 8.44 7.23
C LYS A 34 3.02 7.69 6.96
N LYS A 35 3.79 7.42 8.01
CA LYS A 35 5.05 6.68 7.85
C LYS A 35 4.76 5.28 7.32
N VAL A 36 3.72 4.64 7.87
CA VAL A 36 3.34 3.30 7.46
C VAL A 36 2.95 3.29 5.98
N GLU A 37 2.18 4.29 5.57
CA GLU A 37 1.73 4.41 4.19
C GLU A 37 2.87 4.50 3.17
N LEU A 38 3.90 5.27 3.50
CA LEU A 38 5.02 5.46 2.58
C LEU A 38 5.98 4.28 2.47
N PHE A 39 5.92 3.36 3.43
CA PHE A 39 6.81 2.19 3.39
C PHE A 39 6.11 1.06 2.64
N PRO A 40 6.74 0.54 1.56
CA PRO A 40 8.04 0.92 1.00
C PRO A 40 7.94 1.59 -0.37
N ASN A 41 6.74 1.92 -0.82
CA ASN A 41 6.58 2.50 -2.15
C ASN A 41 6.41 4.00 -2.27
N GLY A 42 6.66 4.73 -1.19
CA GLY A 42 6.52 6.17 -1.24
C GLY A 42 7.71 6.92 -0.68
N GLN A 43 7.79 8.21 -1.02
CA GLN A 43 8.86 9.07 -0.54
C GLN A 43 8.31 10.47 -0.39
N SER A 44 8.50 11.08 0.78
CA SER A 44 8.03 12.42 1.00
C SER A 44 9.23 13.36 0.95
N VAL A 45 9.05 14.51 0.33
CA VAL A 45 10.10 15.51 0.21
C VAL A 45 9.39 16.86 0.22
N GLY A 46 9.64 17.66 1.25
CA GLY A 46 8.96 18.93 1.35
C GLY A 46 7.48 18.60 1.54
N GLU A 47 6.62 19.26 0.78
CA GLU A 47 5.18 19.02 0.89
C GLU A 47 4.70 18.07 -0.20
N LYS A 48 5.65 17.53 -0.95
CA LYS A 48 5.34 16.60 -2.05
C LYS A 48 5.54 15.14 -1.66
N ILE A 49 4.72 14.27 -2.24
CA ILE A 49 4.84 12.84 -1.96
C ILE A 49 4.90 12.08 -3.28
N PHE A 50 5.93 11.25 -3.44
CA PHE A 50 6.06 10.42 -4.63
C PHE A 50 5.60 9.01 -4.23
N LYS A 51 4.85 8.36 -5.10
CA LYS A 51 4.44 6.99 -4.82
C LYS A 51 4.42 6.19 -6.09
N THR A 52 5.08 5.04 -6.08
CA THR A 52 5.13 4.18 -7.26
C THR A 52 4.02 3.14 -7.26
N ALA A 53 3.54 2.80 -8.45
CA ALA A 53 2.50 1.81 -8.62
C ALA A 53 3.10 0.41 -8.57
N GLY A 54 4.42 0.35 -8.71
CA GLY A 54 5.11 -0.93 -8.67
C GLY A 54 5.20 -1.67 -9.99
N PHE A 55 4.63 -1.08 -11.05
CA PHE A 55 4.67 -1.70 -12.37
C PHE A 55 4.98 -0.69 -13.47
N VAL A 56 5.29 -1.18 -14.65
CA VAL A 56 5.62 -0.32 -15.79
C VAL A 56 4.44 -0.16 -16.75
N LYS A 57 4.42 0.98 -17.43
CA LYS A 57 3.37 1.30 -18.40
C LYS A 57 3.90 2.33 -19.40
N PRO A 58 3.28 2.41 -20.59
CA PRO A 58 3.74 3.40 -21.57
C PRO A 58 3.34 4.75 -20.99
N PHE A 59 3.92 5.83 -21.50
CA PHE A 59 3.64 7.17 -20.99
C PHE A 59 2.17 7.58 -20.87
N THR A 60 1.43 7.51 -21.97
CA THR A 60 0.03 7.91 -21.95
C THR A 60 -0.77 7.19 -20.87
N GLU A 61 -0.55 5.89 -20.75
CA GLU A 61 -1.25 5.11 -19.74
C GLU A 61 -0.81 5.49 -18.34
N ALA A 62 0.49 5.72 -18.16
CA ALA A 62 1.02 6.11 -16.86
C ALA A 62 0.47 7.47 -16.46
N GLN A 63 0.45 8.39 -17.41
CA GLN A 63 -0.06 9.73 -17.18
C GLN A 63 -1.52 9.69 -16.76
N LEU A 64 -2.30 8.85 -17.44
CA LEU A 64 -3.73 8.73 -17.12
C LEU A 64 -3.93 8.16 -15.72
N LEU A 65 -3.13 7.17 -15.33
CA LEU A 65 -3.26 6.59 -14.00
C LEU A 65 -3.05 7.65 -12.93
N CYS A 66 -2.04 8.48 -13.12
CA CYS A 66 -1.75 9.52 -12.13
C CYS A 66 -2.82 10.60 -12.08
N THR A 67 -3.28 11.05 -13.25
CA THR A 67 -4.30 12.08 -13.30
C THR A 67 -5.61 11.58 -12.68
N GLN A 68 -5.99 10.35 -12.98
CA GLN A 68 -7.22 9.80 -12.41
C GLN A 68 -7.12 9.63 -10.90
N ALA A 69 -5.90 9.49 -10.39
CA ALA A 69 -5.69 9.34 -8.95
C ALA A 69 -5.64 10.69 -8.25
N GLY A 70 -5.78 11.76 -9.01
CA GLY A 70 -5.75 13.09 -8.42
C GLY A 70 -4.37 13.69 -8.29
N GLY A 71 -3.41 13.14 -9.03
CA GLY A 71 -2.05 13.67 -8.97
C GLY A 71 -1.53 13.83 -10.37
N GLN A 72 -0.24 13.62 -10.55
CA GLN A 72 0.38 13.69 -11.87
C GLN A 72 1.68 12.91 -11.85
N LEU A 73 2.25 12.66 -13.01
CA LEU A 73 3.50 11.92 -13.06
C LEU A 73 4.60 12.69 -12.34
N ALA A 74 5.53 11.96 -11.76
CA ALA A 74 6.65 12.55 -11.02
C ALA A 74 7.24 13.76 -11.77
N SER A 75 7.34 14.88 -11.07
CA SER A 75 7.86 16.12 -11.66
C SER A 75 8.86 16.78 -10.72
N PRO A 76 10.07 16.21 -10.61
CA PRO A 76 11.10 16.78 -9.73
C PRO A 76 11.47 18.19 -10.14
N ARG A 77 11.32 19.14 -9.23
CA ARG A 77 11.62 20.54 -9.53
C ARG A 77 12.88 21.05 -8.83
N SER A 78 13.61 20.16 -8.18
CA SER A 78 14.84 20.54 -7.49
C SER A 78 15.73 19.33 -7.30
N ALA A 79 16.97 19.55 -6.88
CA ALA A 79 17.91 18.45 -6.65
C ALA A 79 17.38 17.57 -5.53
N ALA A 80 16.77 18.20 -4.53
CA ALA A 80 16.22 17.48 -3.38
C ALA A 80 15.08 16.56 -3.83
N GLU A 81 14.18 17.07 -4.66
CA GLU A 81 13.07 16.25 -5.13
C GLU A 81 13.58 15.12 -6.03
N ASN A 82 14.60 15.42 -6.84
CA ASN A 82 15.13 14.41 -7.73
C ASN A 82 15.75 13.27 -6.93
N ALA A 83 16.44 13.63 -5.85
CA ALA A 83 17.08 12.63 -5.01
C ALA A 83 16.05 11.73 -4.35
N ALA A 84 14.94 12.32 -3.92
CA ALA A 84 13.87 11.56 -3.28
C ALA A 84 13.29 10.56 -4.28
N LEU A 85 13.02 11.04 -5.50
CA LEU A 85 12.46 10.18 -6.53
C LEU A 85 13.46 9.08 -6.88
N GLN A 86 14.74 9.43 -6.93
CA GLN A 86 15.79 8.47 -7.24
C GLN A 86 15.76 7.27 -6.29
N GLN A 87 15.42 7.53 -5.03
CA GLN A 87 15.35 6.46 -4.03
C GLN A 87 14.37 5.36 -4.45
N LEU A 88 13.21 5.76 -4.96
CA LEU A 88 12.19 4.80 -5.39
C LEU A 88 12.63 4.04 -6.62
N VAL A 89 13.29 4.73 -7.55
CA VAL A 89 13.77 4.11 -8.77
C VAL A 89 14.84 3.08 -8.43
N VAL A 90 15.73 3.44 -7.51
CA VAL A 90 16.80 2.55 -7.07
C VAL A 90 16.21 1.34 -6.33
N ALA A 91 15.22 1.61 -5.48
CA ALA A 91 14.58 0.55 -4.71
C ALA A 91 13.88 -0.47 -5.60
N LYS A 92 13.26 -0.01 -6.68
CA LYS A 92 12.57 -0.90 -7.60
C LYS A 92 13.49 -1.35 -8.73
N ASN A 93 14.64 -0.69 -8.83
CA ASN A 93 15.62 -0.98 -9.88
C ASN A 93 14.99 -0.90 -11.27
N GLU A 94 14.15 0.11 -11.46
CA GLU A 94 13.46 0.31 -12.73
C GLU A 94 13.35 1.80 -13.07
N ALA A 95 13.87 2.18 -14.23
CA ALA A 95 13.79 3.58 -14.65
C ALA A 95 12.32 4.00 -14.71
N ALA A 96 12.03 5.24 -14.33
CA ALA A 96 10.66 5.74 -14.32
C ALA A 96 10.42 6.94 -15.22
N PHE A 97 9.18 7.10 -15.66
CA PHE A 97 8.80 8.23 -16.50
C PHE A 97 8.58 9.47 -15.63
N LEU A 98 8.91 10.62 -16.18
CA LEU A 98 8.66 11.90 -15.50
C LEU A 98 7.45 12.43 -16.26
N SER A 99 6.89 13.55 -15.82
CA SER A 99 5.70 14.11 -16.45
C SER A 99 5.97 14.95 -17.69
N MET A 100 7.19 15.46 -17.80
CA MET A 100 7.57 16.37 -18.88
C MET A 100 7.80 15.81 -20.28
N THR A 101 7.39 16.57 -21.29
CA THR A 101 7.55 16.18 -22.69
C THR A 101 7.85 17.38 -23.57
N ASP A 102 8.32 17.12 -24.78
CA ASP A 102 8.57 18.20 -25.71
C ASP A 102 7.79 17.91 -26.98
N SER A 103 6.62 17.32 -26.79
CA SER A 103 5.72 16.97 -27.89
C SER A 103 5.19 18.20 -28.64
N LYS A 104 4.96 19.28 -27.91
CA LYS A 104 4.45 20.50 -28.52
C LYS A 104 5.51 21.20 -29.37
N THR A 105 6.69 21.37 -28.80
CA THR A 105 7.80 22.02 -29.51
C THR A 105 9.06 21.20 -29.27
N GLU A 106 9.53 20.51 -30.31
CA GLU A 106 10.73 19.69 -30.23
C GLU A 106 11.89 20.44 -29.59
N GLY A 107 12.52 19.81 -28.60
CA GLY A 107 13.65 20.42 -27.93
C GLY A 107 13.30 21.22 -26.69
N LYS A 108 12.02 21.58 -26.55
CA LYS A 108 11.58 22.36 -25.40
C LYS A 108 10.68 21.53 -24.49
N PHE A 109 11.24 21.01 -23.40
CA PHE A 109 10.47 20.20 -22.48
C PHE A 109 9.66 21.05 -21.51
N THR A 110 8.44 20.62 -21.26
CA THR A 110 7.54 21.35 -20.37
C THR A 110 6.74 20.42 -19.46
N TYR A 111 6.22 21.01 -18.39
CA TYR A 111 5.38 20.28 -17.44
C TYR A 111 4.01 20.20 -18.09
N PRO A 112 3.12 19.33 -17.58
CA PRO A 112 1.78 19.17 -18.16
C PRO A 112 1.05 20.50 -18.36
N THR A 113 1.34 21.47 -17.51
CA THR A 113 0.71 22.79 -17.58
C THR A 113 1.22 23.63 -18.75
N GLY A 114 2.38 23.27 -19.29
CA GLY A 114 2.94 24.02 -20.40
C GLY A 114 4.12 24.87 -19.98
N GLU A 115 4.34 24.96 -18.68
CA GLU A 115 5.45 25.74 -18.12
C GLU A 115 6.79 25.09 -18.45
N SER A 116 7.80 25.91 -18.72
CA SER A 116 9.14 25.41 -19.03
C SER A 116 9.83 24.88 -17.77
N LEU A 117 10.78 23.97 -17.95
CA LEU A 117 11.49 23.38 -16.82
C LEU A 117 12.20 24.41 -15.94
N VAL A 118 12.16 24.18 -14.63
CA VAL A 118 12.82 25.07 -13.67
C VAL A 118 14.00 24.31 -13.06
N TYR A 119 14.16 23.07 -13.50
CA TYR A 119 15.23 22.19 -13.04
C TYR A 119 15.36 21.02 -14.00
N SER A 120 16.59 20.58 -14.23
CA SER A 120 16.85 19.44 -15.11
C SER A 120 18.08 18.71 -14.61
N ASN A 121 18.19 17.43 -14.95
CA ASN A 121 19.34 16.64 -14.53
C ASN A 121 19.71 15.68 -15.65
N TRP A 122 19.80 16.21 -16.87
CA TRP A 122 20.11 15.42 -18.05
C TRP A 122 21.46 14.71 -17.95
N ALA A 123 21.47 13.44 -18.34
CA ALA A 123 22.71 12.66 -18.36
C ALA A 123 23.53 13.26 -19.49
N PRO A 124 24.84 13.06 -19.47
CA PRO A 124 25.68 13.61 -20.53
C PRO A 124 25.21 13.20 -21.93
N GLY A 125 25.07 14.19 -22.82
CA GLY A 125 24.63 13.90 -24.18
C GLY A 125 23.13 13.94 -24.38
N GLU A 126 22.39 14.14 -23.30
CA GLU A 126 20.93 14.20 -23.36
C GLU A 126 20.44 15.63 -23.15
N PRO A 127 19.27 15.97 -23.71
CA PRO A 127 18.38 15.12 -24.50
C PRO A 127 18.85 15.11 -25.96
N ASN A 128 18.83 13.95 -26.60
CA ASN A 128 19.30 13.85 -27.98
C ASN A 128 18.27 13.50 -29.04
N ASP A 129 17.01 13.32 -28.62
CA ASP A 129 15.93 12.96 -29.55
C ASP A 129 16.39 11.84 -30.45
N ASP A 130 17.00 10.82 -29.86
CA ASP A 130 17.52 9.72 -30.64
C ASP A 130 16.44 9.01 -31.42
N GLY A 131 16.73 8.71 -32.69
CA GLY A 131 15.77 8.04 -33.53
C GLY A 131 14.79 9.03 -34.14
N GLY A 132 14.91 10.29 -33.72
CA GLY A 132 14.03 11.33 -34.23
C GLY A 132 12.65 11.31 -33.58
N SER A 133 12.54 10.61 -32.46
CA SER A 133 11.25 10.53 -31.79
C SER A 133 11.32 10.16 -30.31
N GLU A 134 11.92 11.01 -29.49
CA GLU A 134 11.98 10.77 -28.06
C GLU A 134 11.46 12.03 -27.40
N ASP A 135 10.16 12.04 -27.08
CA ASP A 135 9.55 13.22 -26.49
C ASP A 135 9.18 13.09 -25.02
N CYS A 136 9.47 11.94 -24.42
CA CYS A 136 9.19 11.74 -23.01
C CYS A 136 10.51 11.69 -22.25
N VAL A 137 10.45 11.65 -20.92
CA VAL A 137 11.66 11.64 -20.11
C VAL A 137 11.64 10.55 -19.07
N GLU A 138 12.79 9.89 -18.90
CA GLU A 138 12.91 8.84 -17.91
C GLU A 138 14.03 9.21 -16.95
N ILE A 139 13.95 8.73 -15.72
CA ILE A 139 14.98 8.96 -14.72
C ILE A 139 15.60 7.61 -14.40
N PHE A 140 16.93 7.55 -14.50
CA PHE A 140 17.68 6.32 -14.24
C PHE A 140 17.93 6.08 -12.76
N THR A 141 18.47 4.91 -12.43
CA THR A 141 18.77 4.59 -11.04
C THR A 141 19.87 5.51 -10.51
N ASN A 142 20.61 6.15 -11.41
CA ASN A 142 21.66 7.07 -10.98
C ASN A 142 21.12 8.49 -10.86
N GLY A 143 19.80 8.64 -11.02
CA GLY A 143 19.17 9.94 -10.90
C GLY A 143 19.20 10.83 -12.12
N LYS A 144 20.03 10.49 -13.10
CA LYS A 144 20.12 11.30 -14.32
C LYS A 144 18.93 11.08 -15.25
N TRP A 145 18.67 12.07 -16.10
CA TRP A 145 17.55 12.00 -17.04
C TRP A 145 17.95 11.68 -18.47
N ASN A 146 17.02 11.09 -19.20
CA ASN A 146 17.23 10.75 -20.60
C ASN A 146 15.91 10.87 -21.35
N ASP A 147 15.90 11.53 -22.51
CA ASP A 147 14.66 11.60 -23.25
C ASP A 147 14.47 10.23 -23.88
N ARG A 148 13.24 9.74 -23.83
CA ARG A 148 12.88 8.41 -24.29
C ARG A 148 11.57 8.40 -25.07
N ALA A 149 11.44 7.44 -25.97
CA ALA A 149 10.21 7.31 -26.78
C ALA A 149 9.04 7.06 -25.83
N CYS A 150 8.00 7.87 -25.97
CA CYS A 150 6.83 7.77 -25.11
C CYS A 150 6.12 6.41 -25.14
N GLY A 151 6.35 5.64 -26.20
CA GLY A 151 5.72 4.34 -26.32
C GLY A 151 6.38 3.24 -25.49
N GLU A 152 7.58 3.50 -24.98
CA GLU A 152 8.28 2.51 -24.17
C GLU A 152 7.60 2.42 -22.80
N LYS A 153 7.84 1.31 -22.11
CA LYS A 153 7.25 1.10 -20.79
C LYS A 153 8.26 1.39 -19.69
N ARG A 154 7.86 2.23 -18.74
CA ARG A 154 8.74 2.57 -17.63
C ARG A 154 7.95 2.56 -16.33
N LEU A 155 8.67 2.51 -15.21
CA LEU A 155 8.03 2.48 -13.89
C LEU A 155 7.09 3.66 -13.72
N VAL A 156 5.89 3.40 -13.20
CA VAL A 156 4.91 4.44 -12.97
C VAL A 156 5.07 5.03 -11.58
N VAL A 157 5.39 6.32 -11.52
CA VAL A 157 5.54 7.00 -10.24
C VAL A 157 4.78 8.31 -10.31
N CYS A 158 3.82 8.48 -9.41
CA CYS A 158 3.01 9.70 -9.38
C CYS A 158 3.42 10.57 -8.20
N GLU A 159 3.09 11.85 -8.28
CA GLU A 159 3.36 12.76 -7.18
C GLU A 159 2.03 13.34 -6.73
N PHE A 160 1.91 13.54 -5.41
CA PHE A 160 0.70 14.09 -4.81
C PHE A 160 1.06 15.23 -3.87
N ARG B 13 -17.95 30.19 21.03
CA ARG B 13 -18.92 29.05 20.98
C ARG B 13 -19.11 28.55 19.55
N GLN B 14 -19.57 29.45 18.67
CA GLN B 14 -19.81 29.11 17.28
C GLN B 14 -18.64 28.37 16.64
N GLN B 15 -17.44 28.93 16.78
CA GLN B 15 -16.25 28.31 16.21
C GLN B 15 -15.96 26.94 16.80
N VAL B 16 -16.55 26.67 17.96
CA VAL B 16 -16.36 25.38 18.63
C VAL B 16 -17.34 24.33 18.10
N GLU B 17 -18.57 24.75 17.88
CA GLU B 17 -19.62 23.87 17.37
C GLU B 17 -19.23 23.20 16.06
N ALA B 18 -19.03 24.00 15.01
CA ALA B 18 -18.66 23.48 13.70
C ALA B 18 -17.31 22.77 13.75
N LEU B 19 -16.44 23.21 14.64
CA LEU B 19 -15.11 22.61 14.79
C LEU B 19 -15.26 21.17 15.27
N GLN B 20 -16.30 20.91 16.06
CA GLN B 20 -16.55 19.58 16.58
C GLN B 20 -16.96 18.68 15.42
N GLY B 21 -17.73 19.25 14.49
CA GLY B 21 -18.16 18.50 13.33
C GLY B 21 -16.99 18.14 12.43
N GLN B 22 -16.03 19.05 12.32
CA GLN B 22 -14.87 18.81 11.48
C GLN B 22 -13.99 17.72 12.09
N VAL B 23 -13.82 17.77 13.40
CA VAL B 23 -13.00 16.77 14.08
C VAL B 23 -13.68 15.41 14.00
N GLN B 24 -15.00 15.37 14.16
CA GLN B 24 -15.72 14.11 14.08
C GLN B 24 -15.58 13.50 12.68
N HIS B 25 -15.60 14.36 11.67
CA HIS B 25 -15.45 13.88 10.30
C HIS B 25 -14.06 13.27 10.10
N LEU B 26 -13.03 13.96 10.59
CA LEU B 26 -11.67 13.46 10.46
C LEU B 26 -11.50 12.14 11.20
N GLN B 27 -12.10 12.02 12.37
CA GLN B 27 -11.99 10.79 13.13
C GLN B 27 -12.63 9.62 12.40
N ALA B 28 -13.81 9.84 11.83
CA ALA B 28 -14.51 8.79 11.11
C ALA B 28 -13.76 8.41 9.84
N ALA B 29 -13.29 9.43 9.11
CA ALA B 29 -12.56 9.20 7.88
C ALA B 29 -11.25 8.48 8.18
N PHE B 30 -10.58 8.90 9.25
CA PHE B 30 -9.31 8.30 9.62
C PHE B 30 -9.47 6.85 10.04
N SER B 31 -10.54 6.56 10.79
CA SER B 31 -10.79 5.20 11.24
C SER B 31 -10.92 4.28 10.02
N GLN B 32 -11.60 4.78 9.00
CA GLN B 32 -11.80 4.01 7.78
C GLN B 32 -10.47 3.81 7.05
N TYR B 33 -9.71 4.89 6.88
CA TYR B 33 -8.45 4.75 6.17
C TYR B 33 -7.38 3.91 6.86
N LYS B 34 -7.45 3.81 8.17
CA LYS B 34 -6.49 2.97 8.90
C LYS B 34 -6.68 1.52 8.45
N LYS B 35 -7.94 1.11 8.34
CA LYS B 35 -8.24 -0.26 7.92
C LYS B 35 -7.80 -0.48 6.49
N VAL B 36 -8.09 0.48 5.62
CA VAL B 36 -7.71 0.40 4.22
C VAL B 36 -6.20 0.27 4.08
N GLU B 37 -5.48 1.12 4.80
CA GLU B 37 -4.02 1.12 4.75
C GLU B 37 -3.39 -0.20 5.17
N LEU B 38 -3.91 -0.80 6.24
CA LEU B 38 -3.35 -2.05 6.75
C LEU B 38 -3.66 -3.28 5.91
N PHE B 39 -4.63 -3.18 5.02
CA PHE B 39 -4.97 -4.31 4.16
C PHE B 39 -4.13 -4.27 2.89
N PRO B 40 -3.39 -5.35 2.58
CA PRO B 40 -3.23 -6.62 3.28
C PRO B 40 -1.84 -6.82 3.88
N ASN B 41 -1.01 -5.77 3.84
CA ASN B 41 0.36 -5.90 4.33
C ASN B 41 0.71 -5.36 5.69
N GLY B 42 -0.30 -5.00 6.47
CA GLY B 42 -0.03 -4.46 7.80
C GLY B 42 -0.85 -5.09 8.89
N GLN B 43 -0.41 -4.88 10.14
CA GLN B 43 -1.09 -5.41 11.32
C GLN B 43 -0.93 -4.41 12.45
N SER B 44 -2.03 -4.09 13.11
CA SER B 44 -1.99 -3.17 14.24
C SER B 44 -2.18 -3.97 15.52
N VAL B 45 -1.34 -3.70 16.52
CA VAL B 45 -1.43 -4.40 17.79
C VAL B 45 -1.07 -3.38 18.87
N GLY B 46 -2.06 -3.02 19.69
CA GLY B 46 -1.80 -2.02 20.70
C GLY B 46 -1.53 -0.73 19.94
N GLU B 47 -0.46 -0.02 20.30
CA GLU B 47 -0.12 1.23 19.62
C GLU B 47 0.98 1.01 18.59
N LYS B 48 1.28 -0.26 18.30
CA LYS B 48 2.33 -0.59 17.33
C LYS B 48 1.73 -1.08 16.01
N ILE B 49 2.41 -0.77 14.91
CA ILE B 49 1.96 -1.23 13.61
C ILE B 49 3.09 -1.93 12.89
N PHE B 50 2.84 -3.15 12.42
CA PHE B 50 3.84 -3.88 11.66
C PHE B 50 3.42 -3.75 10.20
N LYS B 51 4.40 -3.60 9.32
CA LYS B 51 4.09 -3.53 7.90
C LYS B 51 5.21 -4.19 7.13
N THR B 52 4.84 -5.13 6.26
CA THR B 52 5.84 -5.82 5.46
C THR B 52 6.03 -5.16 4.11
N ALA B 53 7.28 -5.18 3.63
CA ALA B 53 7.63 -4.61 2.34
C ALA B 53 7.24 -5.60 1.26
N GLY B 54 7.01 -6.85 1.67
CA GLY B 54 6.60 -7.89 0.74
C GLY B 54 7.71 -8.63 0.02
N PHE B 55 8.96 -8.26 0.29
CA PHE B 55 10.09 -8.92 -0.35
C PHE B 55 11.16 -9.27 0.68
N VAL B 56 12.17 -10.02 0.26
CA VAL B 56 13.25 -10.43 1.16
C VAL B 56 14.55 -9.65 0.93
N LYS B 57 15.33 -9.50 1.98
CA LYS B 57 16.62 -8.80 1.94
C LYS B 57 17.50 -9.30 3.07
N PRO B 58 18.83 -9.09 2.96
CA PRO B 58 19.72 -9.53 4.03
C PRO B 58 19.47 -8.56 5.19
N PHE B 59 19.89 -8.94 6.39
CA PHE B 59 19.66 -8.11 7.58
C PHE B 59 20.04 -6.64 7.48
N THR B 60 21.30 -6.35 7.15
CA THR B 60 21.74 -4.96 7.07
C THR B 60 20.88 -4.12 6.13
N GLU B 61 20.54 -4.66 4.97
CA GLU B 61 19.71 -3.94 4.01
C GLU B 61 18.29 -3.76 4.54
N ALA B 62 17.76 -4.79 5.19
CA ALA B 62 16.41 -4.73 5.74
C ALA B 62 16.36 -3.69 6.86
N GLN B 63 17.39 -3.70 7.70
CA GLN B 63 17.50 -2.76 8.81
C GLN B 63 17.51 -1.33 8.29
N LEU B 64 18.30 -1.10 7.24
CA LEU B 64 18.40 0.24 6.66
C LEU B 64 17.06 0.72 6.09
N LEU B 65 16.35 -0.16 5.39
CA LEU B 65 15.07 0.21 4.83
C LEU B 65 14.10 0.70 5.92
N CYS B 66 14.07 -0.02 7.03
CA CYS B 66 13.18 0.35 8.13
C CYS B 66 13.59 1.65 8.82
N THR B 67 14.88 1.81 9.07
CA THR B 67 15.38 3.00 9.73
C THR B 67 15.14 4.24 8.88
N GLN B 68 15.37 4.13 7.58
CA GLN B 68 15.17 5.26 6.68
C GLN B 68 13.70 5.61 6.52
N ALA B 69 12.82 4.66 6.83
CA ALA B 69 11.38 4.88 6.73
C ALA B 69 10.82 5.48 8.01
N GLY B 70 11.67 5.68 9.01
CA GLY B 70 11.22 6.25 10.26
C GLY B 70 10.76 5.22 11.28
N GLY B 71 11.14 3.96 11.06
CA GLY B 71 10.77 2.90 11.98
C GLY B 71 11.98 2.05 12.28
N GLN B 72 11.75 0.76 12.49
CA GLN B 72 12.83 -0.18 12.75
C GLN B 72 12.32 -1.59 12.46
N LEU B 73 13.23 -2.56 12.41
CA LEU B 73 12.82 -3.93 12.13
C LEU B 73 11.88 -4.43 13.22
N ALA B 74 10.98 -5.32 12.82
CA ALA B 74 9.99 -5.90 13.73
C ALA B 74 10.66 -6.32 15.04
N SER B 75 10.13 -5.80 16.15
CA SER B 75 10.65 -6.10 17.47
C SER B 75 9.52 -6.49 18.42
N PRO B 76 8.97 -7.71 18.27
CA PRO B 76 7.88 -8.15 19.14
C PRO B 76 8.31 -8.20 20.61
N ARG B 77 7.59 -7.46 21.45
CA ARG B 77 7.88 -7.38 22.88
C ARG B 77 6.86 -8.10 23.76
N SER B 78 5.96 -8.85 23.13
CA SER B 78 4.94 -9.59 23.87
C SER B 78 4.36 -10.67 22.97
N ALA B 79 3.65 -11.62 23.56
CA ALA B 79 3.03 -12.69 22.79
C ALA B 79 2.03 -12.11 21.78
N ALA B 80 1.29 -11.09 22.19
CA ALA B 80 0.31 -10.47 21.30
C ALA B 80 0.99 -9.85 20.09
N GLU B 81 2.11 -9.16 20.31
CA GLU B 81 2.84 -8.56 19.20
C GLU B 81 3.43 -9.64 18.32
N ASN B 82 3.93 -10.71 18.93
CA ASN B 82 4.51 -11.79 18.15
C ASN B 82 3.46 -12.46 17.27
N ALA B 83 2.24 -12.60 17.79
CA ALA B 83 1.16 -13.21 17.03
C ALA B 83 0.76 -12.34 15.84
N ALA B 84 0.79 -11.03 16.03
CA ALA B 84 0.44 -10.10 14.96
C ALA B 84 1.49 -10.20 13.85
N LEU B 85 2.76 -10.26 14.25
CA LEU B 85 3.83 -10.38 13.28
C LEU B 85 3.72 -11.72 12.55
N GLN B 86 3.39 -12.77 13.31
CA GLN B 86 3.25 -14.10 12.73
C GLN B 86 2.20 -14.12 11.61
N GLN B 87 1.14 -13.32 11.76
CA GLN B 87 0.10 -13.29 10.73
C GLN B 87 0.64 -12.80 9.39
N LEU B 88 1.55 -11.83 9.41
CA LEU B 88 2.13 -11.33 8.17
C LEU B 88 3.07 -12.37 7.58
N VAL B 89 3.84 -13.02 8.46
CA VAL B 89 4.78 -14.05 8.02
C VAL B 89 4.01 -15.19 7.37
N VAL B 90 2.89 -15.58 7.96
CA VAL B 90 2.06 -16.65 7.41
C VAL B 90 1.43 -16.25 6.08
N ALA B 91 0.92 -15.02 6.00
CA ALA B 91 0.28 -14.53 4.79
C ALA B 91 1.24 -14.57 3.59
N LYS B 92 2.49 -14.18 3.82
CA LYS B 92 3.49 -14.17 2.76
C LYS B 92 4.25 -15.49 2.66
N ASN B 93 4.03 -16.35 3.64
CA ASN B 93 4.68 -17.65 3.71
C ASN B 93 6.19 -17.50 3.59
N GLU B 94 6.73 -16.50 4.28
CA GLU B 94 8.15 -16.22 4.29
C GLU B 94 8.60 -15.79 5.68
N ALA B 95 9.56 -16.53 6.25
CA ALA B 95 10.09 -16.18 7.56
C ALA B 95 10.69 -14.77 7.47
N ALA B 96 10.59 -14.01 8.55
CA ALA B 96 11.09 -12.63 8.56
C ALA B 96 12.17 -12.39 9.60
N PHE B 97 12.96 -11.35 9.36
CA PHE B 97 14.01 -10.97 10.30
C PHE B 97 13.40 -10.11 11.41
N LEU B 98 13.95 -10.25 12.61
CA LEU B 98 13.54 -9.42 13.73
C LEU B 98 14.68 -8.40 13.84
N SER B 99 14.52 -7.40 14.70
CA SER B 99 15.54 -6.38 14.83
C SER B 99 16.72 -6.77 15.71
N MET B 100 16.49 -7.74 16.60
CA MET B 100 17.48 -8.15 17.58
C MET B 100 18.66 -8.99 17.11
N THR B 101 19.83 -8.72 17.70
CA THR B 101 21.06 -9.46 17.34
C THR B 101 21.96 -9.59 18.57
N ASP B 102 22.94 -10.48 18.48
CA ASP B 102 23.89 -10.64 19.58
C ASP B 102 25.28 -10.42 18.97
N SER B 103 25.35 -9.50 18.03
CA SER B 103 26.58 -9.13 17.34
C SER B 103 27.61 -8.51 18.29
N LYS B 104 27.14 -7.74 19.25
CA LYS B 104 28.04 -7.11 20.21
C LYS B 104 28.66 -8.12 21.16
N THR B 105 27.81 -8.88 21.84
CA THR B 105 28.27 -9.91 22.78
C THR B 105 27.58 -11.24 22.49
N GLU B 106 28.33 -12.18 21.93
CA GLU B 106 27.80 -13.50 21.61
C GLU B 106 27.00 -14.12 22.74
N GLY B 107 25.80 -14.59 22.43
CA GLY B 107 24.96 -15.21 23.43
C GLY B 107 23.97 -14.26 24.09
N LYS B 108 24.18 -12.96 23.92
CA LYS B 108 23.30 -11.97 24.52
C LYS B 108 22.60 -11.13 23.45
N PHE B 109 21.33 -11.45 23.19
CA PHE B 109 20.58 -10.72 22.18
C PHE B 109 19.99 -9.43 22.73
N THR B 110 20.07 -8.38 21.94
CA THR B 110 19.56 -7.07 22.35
C THR B 110 18.79 -6.37 21.24
N TYR B 111 18.02 -5.36 21.61
CA TYR B 111 17.27 -4.57 20.65
C TYR B 111 18.29 -3.56 20.11
N PRO B 112 17.95 -2.83 19.03
CA PRO B 112 18.87 -1.86 18.46
C PRO B 112 19.39 -0.85 19.49
N THR B 113 18.63 -0.66 20.56
CA THR B 113 18.99 0.27 21.62
C THR B 113 20.06 -0.28 22.56
N GLY B 114 20.20 -1.61 22.58
CA GLY B 114 21.18 -2.22 23.47
C GLY B 114 20.50 -2.90 24.64
N GLU B 115 19.21 -2.62 24.80
CA GLU B 115 18.42 -3.21 25.88
C GLU B 115 18.25 -4.71 25.66
N SER B 116 18.25 -5.48 26.74
CA SER B 116 18.09 -6.92 26.65
C SER B 116 16.61 -7.24 26.41
N LEU B 117 16.35 -8.39 25.81
CA LEU B 117 14.98 -8.80 25.48
C LEU B 117 14.01 -8.88 26.66
N VAL B 118 12.78 -8.44 26.44
CA VAL B 118 11.75 -8.48 27.46
C VAL B 118 10.76 -9.59 27.12
N TYR B 119 10.99 -10.23 25.97
CA TYR B 119 10.16 -11.32 25.48
C TYR B 119 10.94 -12.09 24.42
N SER B 120 10.70 -13.38 24.34
CA SER B 120 11.34 -14.23 23.33
C SER B 120 10.45 -15.44 23.10
N ASN B 121 10.55 -16.01 21.91
CA ASN B 121 9.77 -17.20 21.60
C ASN B 121 10.63 -18.18 20.82
N TRP B 122 11.81 -18.47 21.37
CA TRP B 122 12.76 -19.37 20.74
C TRP B 122 12.24 -20.79 20.56
N ALA B 123 12.56 -21.38 19.41
CA ALA B 123 12.20 -22.76 19.15
C ALA B 123 13.12 -23.53 20.09
N PRO B 124 12.75 -24.76 20.46
CA PRO B 124 13.60 -25.55 21.35
C PRO B 124 15.05 -25.65 20.86
N GLY B 125 16.00 -25.42 21.76
CA GLY B 125 17.41 -25.51 21.42
C GLY B 125 18.01 -24.24 20.85
N GLU B 126 17.18 -23.26 20.53
CA GLU B 126 17.67 -22.00 19.97
C GLU B 126 17.74 -20.94 21.07
N PRO B 127 18.66 -19.96 20.92
CA PRO B 127 19.63 -19.78 19.83
C PRO B 127 20.80 -20.74 19.99
N ASN B 128 21.34 -21.22 18.88
CA ASN B 128 22.46 -22.17 18.94
C ASN B 128 23.72 -21.70 18.22
N ASP B 129 23.68 -20.49 17.67
CA ASP B 129 24.83 -19.92 16.95
C ASP B 129 25.42 -20.99 16.03
N ASP B 130 24.57 -21.61 15.22
CA ASP B 130 25.01 -22.66 14.31
C ASP B 130 26.19 -22.24 13.43
N GLY B 131 27.20 -23.11 13.36
CA GLY B 131 28.37 -22.80 12.56
C GLY B 131 29.19 -21.68 13.17
N GLY B 132 28.81 -21.30 14.39
CA GLY B 132 29.49 -20.21 15.09
C GLY B 132 29.29 -18.88 14.38
N SER B 133 28.21 -18.76 13.61
CA SER B 133 27.98 -17.53 12.87
C SER B 133 26.53 -17.09 12.67
N GLU B 134 25.70 -17.19 13.71
CA GLU B 134 24.31 -16.76 13.58
C GLU B 134 24.04 -15.69 14.62
N ASP B 135 24.03 -14.42 14.21
CA ASP B 135 23.81 -13.32 15.13
C ASP B 135 22.49 -12.58 14.93
N CYS B 136 21.72 -13.00 13.95
CA CYS B 136 20.43 -12.37 13.68
C CYS B 136 19.31 -13.33 14.07
N VAL B 137 18.07 -12.86 14.03
CA VAL B 137 16.93 -13.69 14.41
C VAL B 137 15.81 -13.69 13.37
N GLU B 138 15.27 -14.88 13.11
CA GLU B 138 14.18 -15.01 12.16
C GLU B 138 12.97 -15.57 12.89
N ILE B 139 11.78 -15.26 12.39
CA ILE B 139 10.55 -15.79 12.97
C ILE B 139 9.90 -16.64 11.88
N PHE B 140 9.58 -17.88 12.26
CA PHE B 140 8.96 -18.84 11.35
C PHE B 140 7.46 -18.63 11.23
N THR B 141 6.84 -19.35 10.28
CA THR B 141 5.40 -19.26 10.09
C THR B 141 4.66 -19.80 11.32
N ASN B 142 5.34 -20.58 12.16
CA ASN B 142 4.70 -21.10 13.36
C ASN B 142 4.90 -20.16 14.54
N GLY B 143 5.48 -18.99 14.26
CA GLY B 143 5.69 -17.99 15.30
C GLY B 143 6.95 -18.14 16.14
N LYS B 144 7.64 -19.26 16.02
CA LYS B 144 8.85 -19.49 16.80
C LYS B 144 10.07 -18.77 16.22
N TRP B 145 11.04 -18.51 17.09
CA TRP B 145 12.26 -17.82 16.70
C TRP B 145 13.45 -18.74 16.55
N ASN B 146 14.37 -18.34 15.68
CA ASN B 146 15.59 -19.09 15.42
C ASN B 146 16.70 -18.11 15.07
N ASP B 147 17.89 -18.24 15.67
CA ASP B 147 18.96 -17.34 15.29
C ASP B 147 19.47 -17.82 13.93
N ARG B 148 19.79 -16.86 13.08
CA ARG B 148 20.20 -17.15 11.70
C ARG B 148 21.28 -16.20 11.23
N ALA B 149 22.07 -16.64 10.26
CA ALA B 149 23.13 -15.82 9.71
C ALA B 149 22.52 -14.54 9.14
N CYS B 150 23.09 -13.41 9.52
CA CYS B 150 22.60 -12.11 9.07
C CYS B 150 22.70 -11.93 7.56
N GLY B 151 23.57 -12.72 6.92
CA GLY B 151 23.74 -12.61 5.48
C GLY B 151 22.62 -13.24 4.67
N GLU B 152 21.79 -14.04 5.32
CA GLU B 152 20.68 -14.70 4.65
C GLU B 152 19.58 -13.69 4.36
N LYS B 153 18.75 -13.98 3.36
CA LYS B 153 17.66 -13.08 2.99
C LYS B 153 16.34 -13.53 3.61
N ARG B 154 15.66 -12.61 4.28
CA ARG B 154 14.39 -12.91 4.91
C ARG B 154 13.38 -11.79 4.66
N LEU B 155 12.11 -12.10 4.87
CA LEU B 155 11.05 -11.11 4.66
C LEU B 155 11.31 -9.86 5.48
N VAL B 156 11.15 -8.70 4.85
CA VAL B 156 11.35 -7.42 5.52
C VAL B 156 10.04 -6.92 6.13
N VAL B 157 10.03 -6.81 7.46
CA VAL B 157 8.85 -6.31 8.17
C VAL B 157 9.33 -5.24 9.14
N CYS B 158 8.78 -4.04 9.02
CA CYS B 158 9.16 -2.95 9.90
C CYS B 158 8.04 -2.65 10.87
N GLU B 159 8.39 -2.02 11.99
CA GLU B 159 7.38 -1.63 12.96
C GLU B 159 7.42 -0.10 13.06
N PHE B 160 6.24 0.48 13.26
CA PHE B 160 6.07 1.92 13.36
C PHE B 160 5.19 2.25 14.57
N VAL C 16 -8.89 27.80 20.68
CA VAL C 16 -9.94 27.84 19.62
C VAL C 16 -9.37 28.48 18.37
N GLU C 17 -8.25 29.17 18.52
CA GLU C 17 -7.60 29.83 17.40
C GLU C 17 -6.53 28.91 16.82
N ALA C 18 -5.55 28.57 17.65
CA ALA C 18 -4.46 27.69 17.22
C ALA C 18 -5.03 26.31 16.89
N LEU C 19 -6.14 25.96 17.53
CA LEU C 19 -6.79 24.67 17.30
C LEU C 19 -7.37 24.64 15.91
N GLN C 20 -7.93 25.77 15.49
CA GLN C 20 -8.55 25.89 14.17
C GLN C 20 -7.47 25.70 13.10
N GLY C 21 -6.27 26.17 13.39
CA GLY C 21 -5.17 26.05 12.45
C GLY C 21 -4.70 24.61 12.33
N GLN C 22 -4.80 23.86 13.42
CA GLN C 22 -4.39 22.46 13.43
C GLN C 22 -5.39 21.60 12.67
N VAL C 23 -6.67 21.86 12.86
CA VAL C 23 -7.71 21.09 12.19
C VAL C 23 -7.64 21.34 10.69
N GLN C 24 -7.34 22.58 10.31
CA GLN C 24 -7.23 22.95 8.91
C GLN C 24 -6.07 22.22 8.26
N HIS C 25 -4.95 22.16 8.99
CA HIS C 25 -3.77 21.47 8.49
C HIS C 25 -4.09 19.99 8.32
N LEU C 26 -4.76 19.41 9.31
CA LEU C 26 -5.11 17.99 9.23
C LEU C 26 -6.00 17.68 8.02
N GLN C 27 -6.96 18.55 7.73
CA GLN C 27 -7.82 18.32 6.58
C GLN C 27 -7.02 18.28 5.29
N ALA C 28 -6.05 19.18 5.17
CA ALA C 28 -5.22 19.24 3.98
C ALA C 28 -4.29 18.02 3.91
N ALA C 29 -3.66 17.70 5.04
CA ALA C 29 -2.75 16.56 5.08
C ALA C 29 -3.49 15.26 4.86
N PHE C 30 -4.66 15.13 5.46
CA PHE C 30 -5.45 13.92 5.30
C PHE C 30 -5.90 13.72 3.87
N SER C 31 -6.33 14.80 3.22
CA SER C 31 -6.78 14.71 1.83
C SER C 31 -5.65 14.23 0.92
N GLN C 32 -4.45 14.74 1.13
CA GLN C 32 -3.30 14.32 0.31
C GLN C 32 -3.00 12.85 0.57
N TYR C 33 -3.00 12.47 1.83
CA TYR C 33 -2.74 11.09 2.25
C TYR C 33 -3.75 10.10 1.67
N LYS C 34 -5.01 10.51 1.60
CA LYS C 34 -6.04 9.63 1.05
C LYS C 34 -5.73 9.29 -0.41
N LYS C 35 -5.36 10.30 -1.18
CA LYS C 35 -5.02 10.07 -2.58
C LYS C 35 -3.84 9.12 -2.70
N VAL C 36 -2.83 9.30 -1.86
CA VAL C 36 -1.65 8.45 -1.90
C VAL C 36 -2.01 6.99 -1.57
N GLU C 37 -2.84 6.80 -0.56
CA GLU C 37 -3.27 5.47 -0.14
C GLU C 37 -4.02 4.72 -1.22
N LEU C 38 -4.94 5.39 -1.90
CA LEU C 38 -5.75 4.76 -2.93
C LEU C 38 -4.98 4.40 -4.20
N PHE C 39 -3.83 5.02 -4.41
CA PHE C 39 -3.04 4.74 -5.60
C PHE C 39 -2.07 3.59 -5.33
N PRO C 40 -2.13 2.50 -6.13
CA PRO C 40 -2.99 2.25 -7.28
C PRO C 40 -4.01 1.14 -7.05
N ASN C 41 -4.10 0.65 -5.82
CA ASN C 41 -5.01 -0.46 -5.53
C ASN C 41 -6.35 -0.15 -4.88
N GLY C 42 -6.72 1.12 -4.80
CA GLY C 42 -7.99 1.46 -4.19
C GLY C 42 -8.90 2.32 -5.04
N GLN C 43 -10.17 2.32 -4.68
CA GLN C 43 -11.20 3.11 -5.37
C GLN C 43 -12.20 3.63 -4.36
N SER C 44 -12.45 4.93 -4.38
CA SER C 44 -13.40 5.54 -3.47
C SER C 44 -14.66 5.90 -4.25
N VAL C 45 -15.82 5.53 -3.71
CA VAL C 45 -17.10 5.83 -4.33
C VAL C 45 -18.09 6.10 -3.21
N GLY C 46 -18.57 7.33 -3.12
CA GLY C 46 -19.48 7.68 -2.04
C GLY C 46 -18.70 7.55 -0.74
N GLU C 47 -19.27 6.88 0.26
CA GLU C 47 -18.60 6.69 1.54
C GLU C 47 -17.90 5.33 1.61
N LYS C 48 -17.86 4.63 0.47
CA LYS C 48 -17.25 3.31 0.42
C LYS C 48 -15.89 3.29 -0.26
N ILE C 49 -15.00 2.44 0.23
CA ILE C 49 -13.68 2.31 -0.37
C ILE C 49 -13.40 0.84 -0.68
N PHE C 50 -13.06 0.55 -1.93
CA PHE C 50 -12.72 -0.80 -2.36
C PHE C 50 -11.19 -0.84 -2.43
N LYS C 51 -10.59 -1.94 -1.98
CA LYS C 51 -9.16 -2.08 -2.10
C LYS C 51 -8.79 -3.52 -2.38
N THR C 52 -7.99 -3.72 -3.43
CA THR C 52 -7.59 -5.06 -3.79
C THR C 52 -6.27 -5.45 -3.13
N ALA C 53 -6.15 -6.73 -2.80
CA ALA C 53 -4.94 -7.26 -2.19
C ALA C 53 -3.89 -7.54 -3.26
N GLY C 54 -4.34 -7.55 -4.52
CA GLY C 54 -3.43 -7.79 -5.62
C GLY C 54 -3.14 -9.25 -5.94
N PHE C 55 -3.82 -10.16 -5.24
CA PHE C 55 -3.63 -11.58 -5.48
C PHE C 55 -4.96 -12.34 -5.44
N VAL C 56 -4.95 -13.59 -5.88
CA VAL C 56 -6.15 -14.40 -5.88
C VAL C 56 -6.21 -15.40 -4.73
N LYS C 57 -7.42 -15.76 -4.34
CA LYS C 57 -7.67 -16.72 -3.27
C LYS C 57 -9.05 -17.34 -3.45
N PRO C 58 -9.28 -18.52 -2.87
CA PRO C 58 -10.60 -19.13 -3.01
C PRO C 58 -11.51 -18.27 -2.14
N PHE C 59 -12.82 -18.37 -2.34
CA PHE C 59 -13.77 -17.57 -1.58
C PHE C 59 -13.62 -17.55 -0.06
N THR C 60 -13.64 -18.72 0.57
CA THR C 60 -13.53 -18.77 2.02
C THR C 60 -12.33 -18.01 2.57
N GLU C 61 -11.18 -18.18 1.92
CA GLU C 61 -9.96 -17.50 2.35
C GLU C 61 -10.06 -16.00 2.11
N ALA C 62 -10.59 -15.63 0.95
CA ALA C 62 -10.75 -14.21 0.59
C ALA C 62 -11.68 -13.55 1.61
N GLN C 63 -12.77 -14.24 1.93
CA GLN C 63 -13.75 -13.73 2.88
C GLN C 63 -13.10 -13.50 4.25
N LEU C 64 -12.30 -14.46 4.70
CA LEU C 64 -11.65 -14.34 6.00
C LEU C 64 -10.68 -13.18 6.02
N LEU C 65 -9.93 -13.00 4.94
CA LEU C 65 -8.97 -11.89 4.86
C LEU C 65 -9.68 -10.56 5.06
N CYS C 66 -10.80 -10.36 4.37
CA CYS C 66 -11.53 -9.11 4.49
C CYS C 66 -12.11 -8.91 5.88
N THR C 67 -12.70 -9.97 6.45
CA THR C 67 -13.29 -9.90 7.78
C THR C 67 -12.24 -9.60 8.85
N GLN C 68 -11.06 -10.22 8.73
CA GLN C 68 -9.99 -9.99 9.69
C GLN C 68 -9.43 -8.57 9.57
N ALA C 69 -9.59 -7.99 8.38
CA ALA C 69 -9.11 -6.62 8.14
C ALA C 69 -10.12 -5.58 8.59
N GLY C 70 -11.25 -6.04 9.13
CA GLY C 70 -12.27 -5.12 9.59
C GLY C 70 -13.23 -4.66 8.51
N GLY C 71 -13.25 -5.39 7.39
CA GLY C 71 -14.15 -5.05 6.31
C GLY C 71 -14.91 -6.29 5.86
N GLN C 72 -15.21 -6.35 4.57
CA GLN C 72 -15.90 -7.51 4.00
C GLN C 72 -15.62 -7.53 2.51
N LEU C 73 -15.90 -8.65 1.86
CA LEU C 73 -15.67 -8.75 0.42
C LEU C 73 -16.49 -7.69 -0.32
N ALA C 74 -15.95 -7.24 -1.45
CA ALA C 74 -16.62 -6.23 -2.28
C ALA C 74 -18.10 -6.53 -2.45
N SER C 75 -18.95 -5.57 -2.10
CA SER C 75 -20.39 -5.74 -2.20
C SER C 75 -21.04 -4.56 -2.92
N PRO C 76 -20.86 -4.47 -4.25
CA PRO C 76 -21.45 -3.35 -4.99
C PRO C 76 -22.97 -3.32 -4.85
N ARG C 77 -23.49 -2.17 -4.41
CA ARG C 77 -24.93 -2.01 -4.19
C ARG C 77 -25.60 -1.02 -5.14
N SER C 78 -24.86 -0.59 -6.17
CA SER C 78 -25.38 0.33 -7.15
C SER C 78 -24.49 0.30 -8.38
N ALA C 79 -24.99 0.88 -9.48
CA ALA C 79 -24.22 0.92 -10.71
C ALA C 79 -22.93 1.69 -10.50
N ALA C 80 -23.00 2.72 -9.65
CA ALA C 80 -21.84 3.55 -9.36
C ALA C 80 -20.77 2.74 -8.64
N GLU C 81 -21.18 1.96 -7.64
CA GLU C 81 -20.22 1.15 -6.91
C GLU C 81 -19.66 0.06 -7.82
N ASN C 82 -20.52 -0.54 -8.64
CA ASN C 82 -20.06 -1.59 -9.53
C ASN C 82 -19.00 -1.07 -10.49
N ALA C 83 -19.20 0.14 -10.99
CA ALA C 83 -18.26 0.75 -11.92
C ALA C 83 -16.90 0.99 -11.26
N ALA C 84 -16.92 1.41 -9.99
CA ALA C 84 -15.69 1.67 -9.26
C ALA C 84 -14.92 0.36 -9.04
N LEU C 85 -15.65 -0.69 -8.69
CA LEU C 85 -15.05 -2.00 -8.47
C LEU C 85 -14.46 -2.52 -9.78
N GLN C 86 -15.22 -2.32 -10.86
CA GLN C 86 -14.81 -2.76 -12.18
C GLN C 86 -13.44 -2.19 -12.57
N GLN C 87 -13.19 -0.95 -12.19
CA GLN C 87 -11.92 -0.31 -12.51
C GLN C 87 -10.73 -1.09 -11.94
N LEU C 88 -10.89 -1.61 -10.72
CA LEU C 88 -9.83 -2.37 -10.09
C LEU C 88 -9.65 -3.71 -10.83
N VAL C 89 -10.77 -4.32 -11.19
CA VAL C 89 -10.72 -5.59 -11.90
C VAL C 89 -10.01 -5.41 -13.24
N VAL C 90 -10.33 -4.33 -13.94
CA VAL C 90 -9.72 -4.04 -15.24
C VAL C 90 -8.23 -3.78 -15.05
N ALA C 91 -7.89 -2.99 -14.04
CA ALA C 91 -6.50 -2.65 -13.78
C ALA C 91 -5.62 -3.88 -13.54
N LYS C 92 -6.14 -4.85 -12.79
CA LYS C 92 -5.39 -6.06 -12.50
C LYS C 92 -5.65 -7.14 -13.53
N ASN C 93 -6.66 -6.92 -14.37
CA ASN C 93 -7.05 -7.88 -15.41
C ASN C 93 -7.32 -9.24 -14.79
N GLU C 94 -8.02 -9.23 -13.65
CA GLU C 94 -8.36 -10.45 -12.93
C GLU C 94 -9.77 -10.34 -12.35
N ALA C 95 -10.66 -11.25 -12.73
CA ALA C 95 -12.02 -11.22 -12.20
C ALA C 95 -11.93 -11.37 -10.68
N ALA C 96 -12.84 -10.71 -9.97
CA ALA C 96 -12.84 -10.75 -8.51
C ALA C 96 -14.10 -11.33 -7.89
N PHE C 97 -13.97 -11.81 -6.66
CA PHE C 97 -15.12 -12.36 -5.94
C PHE C 97 -15.92 -11.23 -5.30
N LEU C 98 -17.22 -11.42 -5.24
CA LEU C 98 -18.09 -10.47 -4.56
C LEU C 98 -18.39 -11.18 -3.23
N SER C 99 -19.06 -10.50 -2.31
CA SER C 99 -19.35 -11.10 -1.00
C SER C 99 -20.58 -11.99 -0.98
N MET C 100 -21.44 -11.81 -1.96
CA MET C 100 -22.71 -12.51 -2.03
C MET C 100 -22.71 -13.97 -2.46
N THR C 101 -23.57 -14.77 -1.82
CA THR C 101 -23.69 -16.19 -2.14
C THR C 101 -25.13 -16.67 -1.98
N ASP C 102 -25.41 -17.84 -2.52
CA ASP C 102 -26.74 -18.43 -2.38
C ASP C 102 -26.52 -19.80 -1.74
N SER C 103 -25.54 -19.85 -0.84
CA SER C 103 -25.18 -21.07 -0.11
C SER C 103 -26.28 -21.52 0.84
N LYS C 104 -27.01 -20.56 1.40
CA LYS C 104 -28.08 -20.89 2.34
C LYS C 104 -29.28 -21.49 1.59
N THR C 105 -29.77 -20.75 0.60
CA THR C 105 -30.91 -21.20 -0.19
C THR C 105 -30.60 -21.05 -1.67
N GLU C 106 -30.40 -22.18 -2.34
CA GLU C 106 -30.09 -22.20 -3.77
C GLU C 106 -31.05 -21.30 -4.55
N GLY C 107 -30.47 -20.48 -5.44
CA GLY C 107 -31.28 -19.60 -6.25
C GLY C 107 -31.53 -18.24 -5.63
N LYS C 108 -31.17 -18.07 -4.36
CA LYS C 108 -31.37 -16.80 -3.68
C LYS C 108 -30.06 -16.25 -3.15
N PHE C 109 -29.50 -15.26 -3.86
CA PHE C 109 -28.25 -14.66 -3.44
C PHE C 109 -28.46 -13.57 -2.40
N THR C 110 -27.63 -13.60 -1.37
CA THR C 110 -27.72 -12.63 -0.28
C THR C 110 -26.37 -12.10 0.15
N TYR C 111 -26.39 -10.99 0.90
CA TYR C 111 -25.17 -10.40 1.43
C TYR C 111 -24.81 -11.20 2.67
N PRO C 112 -23.61 -11.00 3.22
CA PRO C 112 -23.19 -11.73 4.41
C PRO C 112 -24.17 -11.61 5.59
N THR C 113 -25.02 -10.58 5.55
CA THR C 113 -25.99 -10.35 6.61
C THR C 113 -27.32 -11.08 6.40
N GLY C 114 -27.42 -11.80 5.28
CA GLY C 114 -28.64 -12.53 5.00
C GLY C 114 -29.62 -11.71 4.17
N GLU C 115 -29.38 -10.40 4.12
CA GLU C 115 -30.22 -9.48 3.35
C GLU C 115 -30.19 -9.82 1.86
N SER C 116 -31.30 -9.59 1.18
CA SER C 116 -31.41 -9.87 -0.25
C SER C 116 -30.76 -8.73 -1.05
N LEU C 117 -30.35 -9.04 -2.27
CA LEU C 117 -29.71 -8.06 -3.14
C LEU C 117 -30.56 -6.84 -3.46
N VAL C 118 -29.96 -5.65 -3.39
CA VAL C 118 -30.65 -4.40 -3.68
C VAL C 118 -30.17 -3.92 -5.05
N TYR C 119 -29.25 -4.68 -5.63
CA TYR C 119 -28.67 -4.37 -6.93
C TYR C 119 -28.01 -5.63 -7.48
N SER C 120 -28.02 -5.78 -8.81
CA SER C 120 -27.39 -6.92 -9.45
C SER C 120 -27.00 -6.52 -10.86
N ASN C 121 -25.98 -7.19 -11.41
CA ASN C 121 -25.52 -6.89 -12.76
C ASN C 121 -25.09 -8.19 -13.43
N TRP C 122 -25.97 -9.18 -13.37
CA TRP C 122 -25.70 -10.50 -13.95
C TRP C 122 -25.50 -10.49 -15.46
N ALA C 123 -24.56 -11.31 -15.92
CA ALA C 123 -24.32 -11.45 -17.35
C ALA C 123 -25.52 -12.25 -17.86
N PRO C 124 -25.79 -12.18 -19.17
CA PRO C 124 -26.93 -12.92 -19.74
C PRO C 124 -26.96 -14.40 -19.36
N GLY C 125 -28.11 -14.86 -18.87
CA GLY C 125 -28.25 -16.25 -18.49
C GLY C 125 -27.78 -16.63 -17.09
N GLU C 126 -27.11 -15.69 -16.43
CA GLU C 126 -26.61 -15.93 -15.08
C GLU C 126 -27.57 -15.36 -14.04
N PRO C 127 -27.60 -15.94 -12.82
CA PRO C 127 -26.79 -17.08 -12.37
C PRO C 127 -27.38 -18.39 -12.89
N ASN C 128 -26.53 -19.36 -13.22
CA ASN C 128 -27.02 -20.63 -13.75
C ASN C 128 -26.62 -21.89 -12.96
N ASP C 129 -26.02 -21.69 -11.78
CA ASP C 129 -25.59 -22.79 -10.93
C ASP C 129 -24.97 -23.92 -11.76
N ASP C 130 -24.02 -23.56 -12.63
CA ASP C 130 -23.39 -24.55 -13.51
C ASP C 130 -22.84 -25.76 -12.75
N GLY C 131 -23.18 -26.95 -13.25
CA GLY C 131 -22.72 -28.17 -12.62
C GLY C 131 -23.40 -28.41 -11.29
N GLY C 132 -24.41 -27.60 -11.00
CA GLY C 132 -25.14 -27.71 -9.75
C GLY C 132 -24.23 -27.35 -8.58
N SER C 133 -23.21 -26.55 -8.84
CA SER C 133 -22.28 -26.19 -7.79
C SER C 133 -21.63 -24.80 -7.85
N GLU C 134 -22.41 -23.77 -8.14
CA GLU C 134 -21.85 -22.41 -8.17
C GLU C 134 -22.63 -21.53 -7.22
N ASP C 135 -22.08 -21.31 -6.03
CA ASP C 135 -22.75 -20.50 -5.02
C ASP C 135 -22.11 -19.16 -4.74
N CYS C 136 -20.99 -18.88 -5.39
CA CYS C 136 -20.30 -17.61 -5.20
C CYS C 136 -20.47 -16.77 -6.46
N VAL C 137 -20.00 -15.52 -6.42
CA VAL C 137 -20.15 -14.62 -7.54
C VAL C 137 -18.85 -13.92 -7.91
N GLU C 138 -18.56 -13.85 -9.21
CA GLU C 138 -17.37 -13.17 -9.69
C GLU C 138 -17.82 -12.01 -10.57
N ILE C 139 -17.01 -10.97 -10.63
CA ILE C 139 -17.30 -9.82 -11.47
C ILE C 139 -16.20 -9.78 -12.54
N PHE C 140 -16.61 -9.71 -13.81
CA PHE C 140 -15.69 -9.69 -14.94
C PHE C 140 -15.16 -8.29 -15.22
N THR C 141 -14.19 -8.21 -16.14
CA THR C 141 -13.60 -6.93 -16.52
C THR C 141 -14.65 -6.04 -17.19
N ASN C 142 -15.73 -6.64 -17.68
CA ASN C 142 -16.77 -5.86 -18.32
C ASN C 142 -17.82 -5.42 -17.29
N GLY C 143 -17.54 -5.72 -16.02
CA GLY C 143 -18.45 -5.33 -14.94
C GLY C 143 -19.61 -6.26 -14.66
N LYS C 144 -19.86 -7.21 -15.56
CA LYS C 144 -20.96 -8.14 -15.39
C LYS C 144 -20.63 -9.23 -14.38
N TRP C 145 -21.68 -9.81 -13.78
CA TRP C 145 -21.54 -10.85 -12.77
C TRP C 145 -21.83 -12.26 -13.28
N ASN C 146 -21.17 -13.23 -12.66
CA ASN C 146 -21.38 -14.63 -13.01
C ASN C 146 -21.25 -15.48 -11.76
N ASP C 147 -22.19 -16.39 -11.51
CA ASP C 147 -22.00 -17.24 -10.33
C ASP C 147 -20.92 -18.24 -10.68
N ARG C 148 -20.05 -18.52 -9.71
CA ARG C 148 -18.91 -19.40 -9.90
C ARG C 148 -18.66 -20.25 -8.68
N ALA C 149 -18.00 -21.39 -8.88
CA ALA C 149 -17.70 -22.30 -7.77
C ALA C 149 -16.84 -21.56 -6.77
N CYS C 150 -17.23 -21.63 -5.50
CA CYS C 150 -16.52 -20.96 -4.43
C CYS C 150 -15.09 -21.46 -4.24
N GLY C 151 -14.80 -22.66 -4.76
CA GLY C 151 -13.47 -23.22 -4.64
C GLY C 151 -12.47 -22.61 -5.61
N GLU C 152 -12.96 -21.93 -6.63
CA GLU C 152 -12.08 -21.30 -7.61
C GLU C 152 -11.37 -20.11 -6.98
N LYS C 153 -10.25 -19.72 -7.56
CA LYS C 153 -9.46 -18.60 -7.06
C LYS C 153 -9.72 -17.33 -7.87
N ARG C 154 -10.03 -16.24 -7.19
CA ARG C 154 -10.30 -14.97 -7.85
C ARG C 154 -9.65 -13.82 -7.10
N LEU C 155 -9.51 -12.68 -7.77
CA LEU C 155 -8.90 -11.49 -7.18
C LEU C 155 -9.62 -11.12 -5.88
N VAL C 156 -8.84 -10.83 -4.84
CA VAL C 156 -9.39 -10.45 -3.56
C VAL C 156 -9.57 -8.95 -3.49
N VAL C 157 -10.81 -8.50 -3.29
CA VAL C 157 -11.10 -7.07 -3.18
C VAL C 157 -12.01 -6.89 -1.99
N CYS C 158 -11.59 -6.09 -1.03
CA CYS C 158 -12.41 -5.85 0.16
C CYS C 158 -12.99 -4.46 0.11
N GLU C 159 -14.04 -4.24 0.91
CA GLU C 159 -14.63 -2.91 0.98
C GLU C 159 -14.57 -2.46 2.43
N PHE C 160 -14.40 -1.16 2.60
CA PHE C 160 -14.30 -0.55 3.92
C PHE C 160 -15.17 0.71 3.97
CA CA D . 17.81 10.03 -25.39
CA CA E . 12.05 15.17 -28.53
CA CA F . 9.31 15.19 -31.35
C1 293 G . 22.43 6.95 -28.28
C2 293 G . 23.76 7.30 -27.49
C3 293 G . 23.73 6.59 -26.07
C4 293 G . 22.49 7.13 -25.26
C5 293 G . 21.16 6.69 -26.09
C6 293 G . 19.90 7.19 -25.38
C7 293 G . 18.63 6.76 -26.15
O1 293 G . 22.12 5.71 -28.81
O3 293 G . 24.98 6.93 -25.37
O4 293 G . 22.42 6.50 -23.98
O5 293 G . 21.23 7.33 -27.45
O6 293 G . 20.00 8.61 -25.40
O7 293 G . 17.47 7.24 -25.48
CA CA H . 19.93 -21.28 14.91
CA CA I . 25.27 -15.58 17.81
CA CA J . 28.70 -13.80 16.97
C1 293 K . 21.55 -27.20 13.19
C2 293 K . 20.63 -28.19 14.02
C3 293 K . 19.13 -28.06 13.53
C4 293 K . 18.64 -26.57 13.76
C5 293 K . 19.58 -25.62 12.85
C6 293 K . 19.21 -24.15 13.03
C7 293 K . 20.09 -23.26 12.12
O1 293 K . 21.83 -27.36 11.84
O3 293 K . 18.31 -28.99 14.32
O4 293 K . 17.31 -26.41 13.33
O5 293 K . 21.00 -25.79 13.31
O6 293 K . 19.46 -23.84 14.40
O7 293 K . 19.72 -21.90 12.28
CA CA L . -22.39 -19.34 -13.80
CA CA M . -26.02 -21.67 -6.65
CA CA N . -25.94 -24.54 -3.91
C1 293 O . -22.01 -23.07 -18.94
C2 293 O . -22.62 -22.26 -20.16
C3 293 O . -21.67 -21.03 -20.52
C4 293 O . -21.56 -20.08 -19.25
C5 293 O . -20.86 -20.94 -18.07
C6 293 O . -20.71 -20.11 -16.79
C7 293 O . -20.04 -20.95 -15.67
O1 293 O . -20.87 -23.86 -19.02
O3 293 O . -22.28 -20.30 -21.64
O4 293 O . -20.71 -18.96 -19.54
O5 293 O . -21.74 -22.13 -17.78
O6 293 O . -22.04 -19.76 -16.41
O7 293 O . -19.90 -20.18 -14.49
#